data_7W9F
#
_entry.id   7W9F
#
loop_
_entity.id
_entity.type
_entity.pdbx_description
1 polymer 'The heavy chain of 8D3'
2 polymer 'The light chain of 8D3'
3 polymer 'Spike protein S1'
#
loop_
_entity_poly.entity_id
_entity_poly.type
_entity_poly.pdbx_seq_one_letter_code
_entity_poly.pdbx_strand_id
1 'polypeptide(L)'
;EVQLQQSGPELVKPGASVKISCKTSGYTFTEYTMYWVKQSHGKSLEWIGGINPNIGDTSYNQNFKGKATLTVDRSSSTAY
MELRSLTSEDSAVYYCARDGYPYYYALDHWGQGTSVTVSSAKTTPPSVYPLAPGSAAQTNSMVTLGCLVKGYFPEPVTVT
WNSGSLSSGVHTFPAVLQSDLYTLSSSVTVPSSTWPSETVTCNVAHPASSTKVDKKIVPRDCGCKPCICTVPEVSSVFIF
PPKPKDVLTITLTPKVTCVVVDISKDDPEVQFSWFVDDVEVHTAQTQPREEQFNSTFRSVSELPIMHQDWLNGKEFKCRV
NSAAFPAPIEKTISKTKGRPKAPQVYTIPPPKEQMAKDKVSLTCMITDFFPEDITVEWQWNGQPAENYKNTQPIMDTDGS
YFVYSKLNVQKSNWEAGNTFTCSVLHEGLHNHHTEKSLSHSPGK
;
A
2 'polypeptide(L)'
;DIVMTQSQKFMSTSVGDRVSVTCKASQNVGTNVAWYQQKPGQSPKALIYSTSYRYSGVPDRFTGSGSGTDFTLTISNVQS
EDLAEYFCQQYNSYPYTFGGGTKLEIKRADAAPTVSIFPPSSEQLTSGGASVVCFLNNFYPKDINVKWKIDGSERQNGVL
NSWTDQDSKDSTYSMSSTLTLTKDEYERHNSYTCEATHKTSTSPIVKSFNRNEC
;
B
3 'polypeptide(L)'
;TNLCPFGEVFNATRFASVYAWNRKRISNCVADYSVLYNSASFSTFKCYGVSPTKLNDLCFTNVYADSFVIRGDEVRQIAP
GQTGKIADYNYKLPDDFTGCVIAWNSNNLDSKVGGNYNYRYRLFRKSNLKPFERDISTEIYQAGSKPCNGVEGFNCYFPL
QSYGFQPTNGVGYQPYRVVVLSFELLHAPATVCG
;
E
#
# COMPACT_ATOMS: atom_id res chain seq x y z
N GLU A 1 -0.37 11.57 14.79
CA GLU A 1 -1.01 10.37 14.27
C GLU A 1 -0.74 10.24 12.78
N VAL A 2 -0.15 9.12 12.37
CA VAL A 2 0.21 8.89 10.98
C VAL A 2 -1.05 8.60 10.18
N GLN A 3 -1.25 9.35 9.10
CA GLN A 3 -2.52 9.34 8.38
C GLN A 3 -2.26 9.45 6.88
N LEU A 4 -2.87 8.55 6.11
CA LEU A 4 -2.80 8.59 4.65
C LEU A 4 -4.21 8.78 4.12
N GLN A 5 -4.44 9.89 3.42
CA GLN A 5 -5.73 10.23 2.84
C GLN A 5 -5.61 10.28 1.33
N GLN A 6 -6.48 9.54 0.65
CA GLN A 6 -6.46 9.46 -0.81
C GLN A 6 -7.61 10.29 -1.40
N SER A 7 -7.77 10.20 -2.71
CA SER A 7 -8.75 11.00 -3.43
C SER A 7 -10.11 10.29 -3.45
N GLY A 8 -11.06 10.89 -4.17
CA GLY A 8 -12.38 10.32 -4.32
C GLY A 8 -12.46 9.42 -5.53
N PRO A 9 -13.59 8.73 -5.68
CA PRO A 9 -13.75 7.82 -6.84
C PRO A 9 -13.97 8.61 -8.11
N GLU A 10 -13.33 8.14 -9.19
CA GLU A 10 -13.34 8.84 -10.47
C GLU A 10 -13.98 7.96 -11.53
N LEU A 11 -14.95 8.52 -12.24
CA LEU A 11 -15.55 7.89 -13.41
C LEU A 11 -14.78 8.38 -14.64
N VAL A 12 -14.26 7.45 -15.43
CA VAL A 12 -13.38 7.81 -16.54
C VAL A 12 -13.75 6.97 -17.77
N LYS A 13 -13.61 7.58 -18.94
CA LYS A 13 -13.82 6.94 -20.23
C LYS A 13 -12.56 6.17 -20.63
N PRO A 14 -12.68 5.16 -21.50
CA PRO A 14 -11.49 4.43 -21.92
C PRO A 14 -10.55 5.27 -22.78
N GLY A 15 -9.26 5.08 -22.57
CA GLY A 15 -8.22 5.78 -23.29
C GLY A 15 -7.71 7.04 -22.62
N ALA A 16 -8.32 7.46 -21.52
CA ALA A 16 -7.94 8.71 -20.86
C ALA A 16 -6.88 8.44 -19.80
N SER A 17 -6.62 9.43 -18.94
CA SER A 17 -5.60 9.32 -17.92
C SER A 17 -6.07 10.02 -16.65
N VAL A 18 -5.70 9.46 -15.51
CA VAL A 18 -6.12 9.98 -14.21
C VAL A 18 -4.89 10.12 -13.31
N LYS A 19 -5.04 10.90 -12.25
CA LYS A 19 -4.00 11.13 -11.26
C LYS A 19 -4.56 10.85 -9.88
N ILE A 20 -4.04 9.82 -9.22
CA ILE A 20 -4.51 9.40 -7.91
C ILE A 20 -3.51 9.86 -6.86
N SER A 21 -3.98 10.63 -5.90
CA SER A 21 -3.14 11.23 -4.87
C SER A 21 -3.25 10.47 -3.56
N CYS A 22 -2.22 10.64 -2.72
CA CYS A 22 -2.19 10.04 -1.39
C CYS A 22 -1.42 10.98 -0.49
N LYS A 23 -2.14 11.86 0.22
CA LYS A 23 -1.50 12.83 1.09
C LYS A 23 -0.96 12.16 2.34
N THR A 24 0.18 12.66 2.82
CA THR A 24 0.91 12.04 3.92
C THR A 24 1.09 13.03 5.06
N SER A 25 0.94 12.54 6.28
CA SER A 25 1.12 13.36 7.47
C SER A 25 1.42 12.45 8.65
N GLY A 26 2.22 12.97 9.58
CA GLY A 26 2.54 12.27 10.81
C GLY A 26 3.90 11.63 10.85
N TYR A 27 4.67 11.67 9.77
CA TYR A 27 5.98 11.04 9.76
C TYR A 27 6.87 11.79 8.79
N THR A 28 8.14 11.38 8.74
CA THR A 28 9.12 11.97 7.84
C THR A 28 8.94 11.36 6.45
N PHE A 29 8.44 12.17 5.51
CA PHE A 29 8.09 11.68 4.18
C PHE A 29 9.31 11.36 3.32
N THR A 30 10.48 11.92 3.63
CA THR A 30 11.62 11.82 2.74
C THR A 30 12.26 10.43 2.77
N GLU A 31 12.40 9.85 3.96
CA GLU A 31 13.16 8.61 4.10
C GLU A 31 12.35 7.39 3.67
N TYR A 32 11.09 7.30 4.10
CA TYR A 32 10.30 6.09 3.93
C TYR A 32 9.85 5.92 2.49
N THR A 33 9.89 4.67 2.02
CA THR A 33 9.59 4.33 0.64
C THR A 33 8.09 4.08 0.48
N MET A 34 7.52 4.58 -0.61
CA MET A 34 6.09 4.48 -0.86
C MET A 34 5.81 3.55 -2.03
N TYR A 35 4.91 2.58 -1.81
CA TYR A 35 4.52 1.62 -2.81
C TYR A 35 3.11 1.93 -3.34
N TRP A 36 2.76 1.27 -4.44
CA TRP A 36 1.44 1.39 -5.04
C TRP A 36 1.00 0.02 -5.54
N VAL A 37 -0.26 -0.31 -5.32
CA VAL A 37 -0.80 -1.62 -5.61
C VAL A 37 -2.12 -1.47 -6.37
N LYS A 38 -2.76 -2.60 -6.66
CA LYS A 38 -3.99 -2.63 -7.42
C LYS A 38 -4.74 -3.91 -7.09
N GLN A 39 -6.01 -3.79 -6.72
CA GLN A 39 -6.85 -4.93 -6.36
C GLN A 39 -8.08 -4.94 -7.26
N SER A 40 -8.14 -5.91 -8.17
CA SER A 40 -9.33 -6.08 -8.99
C SER A 40 -10.42 -6.78 -8.20
N HIS A 41 -11.64 -6.71 -8.72
CA HIS A 41 -12.82 -7.22 -8.01
C HIS A 41 -12.85 -8.74 -8.08
N GLY A 42 -12.79 -9.40 -6.92
CA GLY A 42 -12.95 -10.83 -6.83
C GLY A 42 -11.71 -11.64 -7.10
N LYS A 43 -10.62 -11.03 -7.57
CA LYS A 43 -9.39 -11.74 -7.87
C LYS A 43 -8.32 -11.35 -6.85
N SER A 44 -7.10 -11.84 -7.08
CA SER A 44 -6.02 -11.64 -6.14
C SER A 44 -5.43 -10.24 -6.26
N LEU A 45 -4.56 -9.91 -5.33
CA LEU A 45 -3.87 -8.63 -5.30
C LEU A 45 -2.70 -8.64 -6.27
N GLU A 46 -2.26 -7.45 -6.67
CA GLU A 46 -1.10 -7.31 -7.54
C GLU A 46 -0.34 -6.05 -7.19
N TRP A 47 0.96 -6.09 -7.39
CA TRP A 47 1.88 -5.01 -7.05
C TRP A 47 2.30 -4.28 -8.32
N ILE A 48 2.41 -2.96 -8.23
CA ILE A 48 2.72 -2.11 -9.39
C ILE A 48 4.16 -1.64 -9.36
N GLY A 49 4.54 -0.87 -8.34
CA GLY A 49 5.87 -0.33 -8.27
C GLY A 49 6.07 0.45 -6.99
N GLY A 50 7.30 0.94 -6.81
CA GLY A 50 7.64 1.70 -5.64
C GLY A 50 8.59 2.83 -5.99
N ILE A 51 8.46 3.93 -5.26
CA ILE A 51 9.24 5.13 -5.50
C ILE A 51 9.88 5.59 -4.20
N ASN A 52 11.11 6.11 -4.30
CA ASN A 52 11.89 6.55 -3.15
C ASN A 52 11.96 8.07 -3.16
N PRO A 53 11.48 8.77 -2.13
CA PRO A 53 11.37 10.23 -2.22
C PRO A 53 12.69 10.97 -2.13
N ASN A 54 13.69 10.41 -1.43
CA ASN A 54 14.95 11.12 -1.27
C ASN A 54 15.80 11.11 -2.54
N ILE A 55 15.64 10.10 -3.40
CA ILE A 55 16.45 9.95 -4.60
C ILE A 55 15.59 10.07 -5.86
N GLY A 56 14.55 9.26 -5.96
CA GLY A 56 13.76 9.18 -7.16
C GLY A 56 13.88 7.87 -7.91
N ASP A 57 14.43 6.83 -7.28
CA ASP A 57 14.59 5.55 -7.94
C ASP A 57 13.25 4.83 -8.03
N THR A 58 12.97 4.26 -9.20
CA THR A 58 11.72 3.56 -9.45
C THR A 58 12.01 2.15 -9.95
N SER A 59 11.11 1.23 -9.61
CA SER A 59 11.20 -0.15 -10.10
C SER A 59 9.78 -0.67 -10.25
N TYR A 60 9.23 -0.57 -11.46
CA TYR A 60 7.88 -1.02 -11.72
C TYR A 60 7.83 -2.51 -12.02
N ASN A 61 6.64 -3.07 -11.93
CA ASN A 61 6.42 -4.43 -12.39
C ASN A 61 6.49 -4.47 -13.91
N GLN A 62 6.85 -5.63 -14.45
CA GLN A 62 7.02 -5.75 -15.89
C GLN A 62 5.68 -5.77 -16.63
N ASN A 63 4.59 -6.07 -15.94
CA ASN A 63 3.26 -6.03 -16.53
C ASN A 63 2.63 -4.65 -16.42
N PHE A 64 3.30 -3.69 -15.79
CA PHE A 64 2.77 -2.34 -15.62
C PHE A 64 3.78 -1.29 -16.05
N LYS A 65 4.64 -1.64 -17.03
CA LYS A 65 5.71 -0.74 -17.43
C LYS A 65 5.17 0.43 -18.25
N GLY A 66 4.32 0.14 -19.23
CA GLY A 66 3.71 1.19 -20.01
C GLY A 66 2.31 1.49 -19.54
N LYS A 67 2.07 1.31 -18.23
CA LYS A 67 0.75 1.49 -17.65
C LYS A 67 0.70 2.61 -16.63
N ALA A 68 1.68 2.68 -15.73
CA ALA A 68 1.65 3.65 -14.65
C ALA A 68 3.03 4.27 -14.44
N THR A 69 3.04 5.56 -14.15
CA THR A 69 4.26 6.26 -13.74
C THR A 69 4.00 6.95 -12.40
N LEU A 70 5.07 7.23 -11.68
CA LEU A 70 4.99 7.75 -10.32
C LEU A 70 5.80 9.03 -10.18
N THR A 71 5.19 10.04 -9.55
CA THR A 71 5.85 11.30 -9.25
C THR A 71 5.58 11.67 -7.79
N VAL A 72 6.57 12.27 -7.15
CA VAL A 72 6.49 12.66 -5.75
C VAL A 72 6.64 14.18 -5.66
N ASP A 73 5.77 14.81 -4.88
CA ASP A 73 5.82 16.25 -4.64
C ASP A 73 6.27 16.47 -3.20
N ARG A 74 7.56 16.80 -3.03
CA ARG A 74 8.09 17.06 -1.70
C ARG A 74 7.67 18.41 -1.14
N SER A 75 7.17 19.32 -1.98
CA SER A 75 6.73 20.63 -1.51
C SER A 75 5.43 20.57 -0.72
N SER A 76 4.63 19.51 -0.89
CA SER A 76 3.39 19.36 -0.15
C SER A 76 3.23 17.99 0.47
N SER A 77 4.24 17.12 0.38
CA SER A 77 4.22 15.72 0.82
C SER A 77 3.04 14.96 0.24
N THR A 78 3.02 14.87 -1.09
CA THR A 78 1.96 14.21 -1.84
C THR A 78 2.55 13.40 -2.97
N ALA A 79 2.23 12.12 -3.03
CA ALA A 79 2.64 11.28 -4.15
C ALA A 79 1.53 11.19 -5.18
N TYR A 80 1.89 10.72 -6.37
CA TYR A 80 0.94 10.68 -7.48
C TYR A 80 1.21 9.46 -8.34
N MET A 81 0.12 8.88 -8.87
CA MET A 81 0.19 7.77 -9.81
C MET A 81 -0.64 8.13 -11.03
N GLU A 82 -0.02 8.07 -12.21
CA GLU A 82 -0.65 8.49 -13.45
C GLU A 82 -0.80 7.25 -14.33
N LEU A 83 -2.05 6.84 -14.57
CA LEU A 83 -2.33 5.67 -15.39
C LEU A 83 -2.58 6.09 -16.83
N ARG A 84 -2.04 5.31 -17.76
CA ARG A 84 -2.16 5.61 -19.19
C ARG A 84 -2.72 4.40 -19.92
N SER A 85 -3.36 4.66 -21.06
CA SER A 85 -3.98 3.68 -21.96
C SER A 85 -4.91 2.72 -21.21
N LEU A 86 -5.97 3.30 -20.64
CA LEU A 86 -6.91 2.53 -19.84
C LEU A 86 -7.84 1.72 -20.73
N THR A 87 -8.19 0.54 -20.23
CA THR A 87 -9.07 -0.38 -20.95
C THR A 87 -10.13 -0.81 -19.93
N SER A 88 -10.99 -1.77 -20.26
CA SER A 88 -12.01 -2.23 -19.32
C SER A 88 -11.47 -3.12 -18.22
N GLU A 89 -10.19 -3.50 -18.28
CA GLU A 89 -9.61 -4.38 -17.27
C GLU A 89 -9.12 -3.66 -16.03
N ASP A 90 -9.19 -2.32 -16.02
CA ASP A 90 -8.71 -1.53 -14.89
C ASP A 90 -9.82 -1.13 -13.93
N SER A 91 -10.89 -1.93 -13.86
CA SER A 91 -11.97 -1.69 -12.90
C SER A 91 -11.51 -2.23 -11.55
N ALA A 92 -10.74 -1.41 -10.84
CA ALA A 92 -10.07 -1.86 -9.64
C ALA A 92 -9.93 -0.69 -8.67
N VAL A 93 -9.58 -1.02 -7.43
CA VAL A 93 -9.25 -0.04 -6.42
C VAL A 93 -7.73 0.06 -6.34
N TYR A 94 -7.24 1.24 -5.96
CA TYR A 94 -5.81 1.51 -5.92
C TYR A 94 -5.44 2.10 -4.58
N TYR A 95 -4.49 1.47 -3.89
CA TYR A 95 -4.06 1.88 -2.57
C TYR A 95 -2.65 2.46 -2.63
N CYS A 96 -2.32 3.27 -1.63
CA CYS A 96 -0.96 3.71 -1.39
C CYS A 96 -0.42 3.02 -0.14
N ALA A 97 0.91 2.95 -0.04
CA ALA A 97 1.57 2.19 1.01
C ALA A 97 2.72 3.02 1.59
N ARG A 98 3.45 2.41 2.52
CA ARG A 98 4.60 3.05 3.15
C ARG A 98 5.50 1.96 3.75
N ASP A 99 6.75 1.91 3.29
CA ASP A 99 7.70 0.93 3.78
C ASP A 99 8.14 1.30 5.21
N GLY A 100 8.69 0.34 5.93
CA GLY A 100 8.99 0.54 7.33
C GLY A 100 10.35 0.04 7.79
N TYR A 101 11.31 -0.10 6.86
CA TYR A 101 12.62 -0.69 7.13
C TYR A 101 13.47 0.00 8.21
N PRO A 102 13.48 1.35 8.36
CA PRO A 102 14.16 1.87 9.57
C PRO A 102 13.27 1.91 10.81
N TYR A 103 12.46 0.86 11.02
CA TYR A 103 11.83 0.67 12.31
C TYR A 103 11.74 -0.81 12.68
N TYR A 104 12.57 -1.66 12.06
CA TYR A 104 12.58 -3.13 12.23
C TYR A 104 11.20 -3.71 11.90
N TYR A 105 10.83 -3.53 10.63
CA TYR A 105 9.52 -3.90 10.10
C TYR A 105 9.67 -4.51 8.71
N ALA A 106 8.53 -4.92 8.15
CA ALA A 106 8.34 -5.13 6.73
C ALA A 106 7.03 -4.50 6.28
N LEU A 107 6.68 -3.38 6.91
CA LEU A 107 5.33 -2.84 6.90
C LEU A 107 4.99 -2.19 5.57
N ASP A 108 3.73 -2.30 5.17
CA ASP A 108 3.21 -1.54 4.03
C ASP A 108 2.29 -0.39 4.43
N HIS A 109 1.43 -0.59 5.45
CA HIS A 109 0.61 0.45 6.08
C HIS A 109 -0.31 1.13 5.06
N TRP A 110 -1.26 0.34 4.57
CA TRP A 110 -2.09 0.69 3.44
C TRP A 110 -3.02 1.86 3.78
N GLY A 111 -3.42 2.59 2.75
CA GLY A 111 -4.16 3.82 2.92
C GLY A 111 -5.67 3.64 2.98
N GLN A 112 -6.38 4.19 1.99
CA GLN A 112 -7.84 4.08 1.94
C GLN A 112 -8.32 3.37 0.69
N GLY A 113 -7.82 3.76 -0.48
CA GLY A 113 -8.25 3.16 -1.72
C GLY A 113 -9.16 4.06 -2.54
N THR A 114 -8.88 4.18 -3.83
CA THR A 114 -9.69 4.96 -4.75
C THR A 114 -10.31 4.01 -5.77
N SER A 115 -11.64 3.95 -5.79
CA SER A 115 -12.35 3.07 -6.72
C SER A 115 -12.42 3.75 -8.07
N VAL A 116 -11.64 3.26 -9.03
CA VAL A 116 -11.57 3.81 -10.37
C VAL A 116 -12.25 2.82 -11.31
N THR A 117 -13.38 3.23 -11.89
CA THR A 117 -14.12 2.40 -12.83
C THR A 117 -14.03 2.99 -14.23
N VAL A 118 -14.21 2.12 -15.22
CA VAL A 118 -14.11 2.49 -16.63
C VAL A 118 -15.39 2.08 -17.34
N SER A 119 -15.92 2.99 -18.16
CA SER A 119 -17.14 2.75 -18.93
C SER A 119 -17.25 3.81 -20.00
N SER A 120 -18.11 3.54 -20.98
CA SER A 120 -18.42 4.48 -22.05
C SER A 120 -19.90 4.85 -22.08
N ALA A 121 -20.52 5.00 -20.91
CA ALA A 121 -21.94 5.26 -20.82
C ALA A 121 -22.20 6.52 -19.99
N LYS A 122 -23.16 7.32 -20.45
CA LYS A 122 -23.62 8.48 -19.69
C LYS A 122 -24.45 7.98 -18.50
N THR A 123 -24.47 8.77 -17.43
CA THR A 123 -25.24 8.44 -16.24
C THR A 123 -26.73 8.42 -16.55
N THR A 124 -27.34 7.24 -16.39
CA THR A 124 -28.73 7.02 -16.70
C THR A 124 -29.49 6.74 -15.40
N PRO A 125 -30.65 7.36 -15.19
CA PRO A 125 -31.40 7.10 -13.97
C PRO A 125 -32.01 5.71 -14.00
N PRO A 126 -32.25 5.09 -12.84
CA PRO A 126 -32.82 3.74 -12.81
C PRO A 126 -34.30 3.75 -13.10
N SER A 127 -34.81 2.55 -13.38
CA SER A 127 -36.22 2.32 -13.63
C SER A 127 -36.63 1.07 -12.86
N VAL A 128 -37.40 1.25 -11.80
CA VAL A 128 -37.79 0.13 -10.96
C VAL A 128 -38.90 -0.67 -11.63
N TYR A 129 -39.00 -1.94 -11.23
CA TYR A 129 -39.99 -2.86 -11.76
C TYR A 129 -40.33 -3.84 -10.64
N PRO A 130 -41.60 -3.98 -10.28
CA PRO A 130 -41.96 -4.88 -9.19
C PRO A 130 -41.94 -6.33 -9.64
N LEU A 131 -41.99 -7.22 -8.66
CA LEU A 131 -42.03 -8.65 -8.90
C LEU A 131 -43.36 -9.21 -8.42
N ALA A 132 -43.93 -10.14 -9.18
CA ALA A 132 -45.24 -10.70 -8.88
C ALA A 132 -45.09 -11.98 -8.07
N PRO A 133 -45.55 -12.03 -6.82
CA PRO A 133 -45.35 -13.23 -5.99
C PRO A 133 -46.06 -14.52 -6.39
N GLY A 134 -47.34 -14.59 -6.80
CA GLY A 134 -48.29 -13.56 -7.22
C GLY A 134 -49.52 -13.25 -6.38
N SER A 135 -50.64 -13.86 -6.76
CA SER A 135 -51.96 -13.44 -6.25
C SER A 135 -52.09 -13.66 -4.75
N ALA A 136 -52.08 -14.91 -4.29
CA ALA A 136 -52.38 -15.20 -2.90
C ALA A 136 -51.83 -16.57 -2.52
N ALA A 137 -51.31 -16.66 -1.27
CA ALA A 137 -51.04 -17.90 -0.57
C ALA A 137 -49.99 -18.77 -1.27
N GLN A 138 -48.91 -18.13 -1.71
CA GLN A 138 -47.78 -18.82 -2.34
C GLN A 138 -46.49 -18.34 -1.68
N THR A 139 -46.04 -19.04 -0.63
CA THR A 139 -46.71 -20.21 -0.06
C THR A 139 -47.65 -19.82 1.08
N ASN A 140 -48.13 -20.82 1.81
CA ASN A 140 -49.08 -20.58 2.89
C ASN A 140 -48.42 -20.01 4.15
N SER A 141 -47.11 -20.16 4.30
CA SER A 141 -46.42 -19.74 5.52
C SER A 141 -45.75 -18.38 5.37
N MET A 142 -44.82 -18.25 4.41
CA MET A 142 -44.08 -17.02 4.21
C MET A 142 -43.97 -16.73 2.72
N VAL A 143 -44.43 -15.55 2.31
CA VAL A 143 -44.43 -15.14 0.92
C VAL A 143 -43.31 -14.12 0.72
N THR A 144 -42.55 -14.27 -0.36
CA THR A 144 -41.45 -13.37 -0.67
C THR A 144 -41.86 -12.42 -1.78
N LEU A 145 -41.32 -11.21 -1.72
CA LEU A 145 -41.55 -10.17 -2.72
C LEU A 145 -40.20 -9.73 -3.30
N GLY A 146 -40.23 -8.67 -4.10
CA GLY A 146 -39.00 -8.15 -4.65
C GLY A 146 -39.27 -7.02 -5.62
N CYS A 147 -38.20 -6.29 -5.93
CA CYS A 147 -38.22 -5.19 -6.89
C CYS A 147 -36.90 -5.13 -7.62
N LEU A 148 -36.97 -5.10 -8.95
CA LEU A 148 -35.78 -5.05 -9.78
C LEU A 148 -35.41 -3.61 -10.11
N VAL A 149 -34.14 -3.42 -10.46
CA VAL A 149 -33.67 -2.23 -11.16
C VAL A 149 -32.99 -2.69 -12.45
N LYS A 150 -32.97 -1.82 -13.44
CA LYS A 150 -32.40 -2.16 -14.74
C LYS A 150 -31.96 -0.89 -15.45
N GLY A 151 -30.72 -0.89 -15.92
CA GLY A 151 -30.18 0.22 -16.68
C GLY A 151 -29.93 1.48 -15.86
N TYR A 152 -28.96 1.43 -14.95
CA TYR A 152 -28.58 2.59 -14.17
C TYR A 152 -27.06 2.68 -14.10
N PHE A 153 -26.57 3.90 -13.85
CA PHE A 153 -25.15 4.17 -13.74
C PHE A 153 -24.96 5.46 -12.96
N PRO A 154 -24.01 5.52 -12.02
CA PRO A 154 -23.15 4.42 -11.56
C PRO A 154 -23.62 3.84 -10.23
N GLU A 155 -22.80 2.97 -9.65
CA GLU A 155 -23.08 2.46 -8.31
C GLU A 155 -22.93 3.58 -7.29
N PRO A 156 -23.69 3.54 -6.18
CA PRO A 156 -24.78 2.62 -5.84
C PRO A 156 -26.16 3.25 -5.84
N VAL A 157 -27.18 2.44 -5.58
CA VAL A 157 -28.52 2.94 -5.28
C VAL A 157 -28.89 2.47 -3.87
N THR A 158 -29.76 3.23 -3.23
CA THR A 158 -30.19 2.94 -1.87
C THR A 158 -31.58 2.31 -1.94
N VAL A 159 -31.63 0.99 -1.83
CA VAL A 159 -32.88 0.25 -1.90
C VAL A 159 -33.38 0.07 -0.47
N THR A 160 -34.39 0.85 -0.10
CA THR A 160 -35.03 0.74 1.20
C THR A 160 -36.46 0.24 1.01
N TRP A 161 -36.86 -0.70 1.85
CA TRP A 161 -38.21 -1.25 1.82
C TRP A 161 -39.04 -0.62 2.93
N ASN A 162 -40.25 -0.16 2.57
CA ASN A 162 -41.18 0.56 3.46
C ASN A 162 -40.53 1.79 4.10
N SER A 163 -39.78 2.53 3.27
CA SER A 163 -39.07 3.76 3.64
C SER A 163 -38.10 3.54 4.80
N GLY A 164 -37.51 2.34 4.88
CA GLY A 164 -36.50 2.07 5.88
C GLY A 164 -36.99 1.51 7.18
N SER A 165 -38.18 0.91 7.22
CA SER A 165 -38.72 0.32 8.44
C SER A 165 -38.70 -1.20 8.43
N LEU A 166 -38.95 -1.81 7.28
CA LEU A 166 -38.94 -3.26 7.16
C LEU A 166 -37.52 -3.75 6.92
N SER A 167 -36.97 -4.48 7.88
CA SER A 167 -35.60 -4.98 7.76
C SER A 167 -35.48 -6.43 8.22
N SER A 168 -36.59 -7.17 8.32
CA SER A 168 -36.54 -8.56 8.75
C SER A 168 -36.38 -9.45 7.51
N GLY A 169 -35.15 -9.48 7.00
CA GLY A 169 -34.82 -10.35 5.89
C GLY A 169 -34.72 -9.66 4.54
N VAL A 170 -34.09 -8.49 4.50
CA VAL A 170 -33.82 -7.80 3.25
C VAL A 170 -32.49 -8.27 2.70
N HIS A 171 -32.49 -8.75 1.46
CA HIS A 171 -31.29 -9.29 0.81
C HIS A 171 -31.06 -8.53 -0.50
N THR A 172 -30.29 -7.46 -0.43
CA THR A 172 -29.93 -6.69 -1.62
C THR A 172 -28.73 -7.34 -2.27
N PHE A 173 -28.97 -8.04 -3.38
CA PHE A 173 -27.91 -8.71 -4.10
C PHE A 173 -27.01 -7.68 -4.79
N PRO A 174 -25.72 -7.98 -4.95
CA PRO A 174 -24.80 -7.01 -5.58
C PRO A 174 -25.07 -6.85 -7.07
N ALA A 175 -24.51 -5.78 -7.61
CA ALA A 175 -24.77 -5.40 -9.00
C ALA A 175 -23.91 -6.17 -9.97
N VAL A 176 -24.49 -6.55 -11.10
CA VAL A 176 -23.78 -7.22 -12.18
C VAL A 176 -23.90 -6.39 -13.45
N LEU A 177 -23.32 -6.87 -14.54
CA LEU A 177 -23.32 -6.15 -15.81
C LEU A 177 -23.89 -7.04 -16.91
N GLN A 178 -24.87 -6.52 -17.65
CA GLN A 178 -25.46 -7.31 -18.73
C GLN A 178 -25.41 -6.57 -20.07
N SER A 179 -25.46 -5.23 -20.05
CA SER A 179 -25.40 -4.44 -21.27
C SER A 179 -24.58 -3.17 -21.04
N ASP A 180 -23.45 -3.33 -20.35
CA ASP A 180 -22.61 -2.23 -19.85
C ASP A 180 -23.41 -1.24 -18.98
N LEU A 181 -24.36 -1.78 -18.23
CA LEU A 181 -25.22 -1.01 -17.34
C LEU A 181 -25.59 -1.91 -16.18
N TYR A 182 -25.50 -1.38 -14.96
CA TYR A 182 -25.65 -2.20 -13.78
C TYR A 182 -27.12 -2.56 -13.55
N THR A 183 -27.33 -3.66 -12.84
CA THR A 183 -28.66 -4.12 -12.44
C THR A 183 -28.52 -4.98 -11.20
N LEU A 184 -29.57 -4.99 -10.38
CA LEU A 184 -29.59 -5.80 -9.17
C LEU A 184 -31.04 -6.12 -8.82
N SER A 185 -31.23 -6.72 -7.66
CA SER A 185 -32.56 -7.03 -7.16
C SER A 185 -32.52 -7.02 -5.64
N SER A 186 -33.70 -7.09 -5.04
CA SER A 186 -33.82 -7.18 -3.60
C SER A 186 -34.89 -8.22 -3.25
N SER A 187 -34.71 -8.86 -2.10
CA SER A 187 -35.62 -9.92 -1.68
C SER A 187 -36.01 -9.69 -0.23
N VAL A 188 -37.31 -9.62 0.03
CA VAL A 188 -37.83 -9.43 1.37
C VAL A 188 -38.76 -10.59 1.70
N THR A 189 -39.01 -10.77 2.99
CA THR A 189 -39.89 -11.81 3.48
C THR A 189 -40.93 -11.16 4.39
N VAL A 190 -42.14 -11.01 3.88
CA VAL A 190 -43.26 -10.43 4.62
C VAL A 190 -44.18 -11.56 5.04
N PRO A 191 -44.60 -11.63 6.30
CA PRO A 191 -45.50 -12.70 6.73
C PRO A 191 -46.91 -12.53 6.15
N SER A 192 -47.69 -13.60 6.28
CA SER A 192 -49.01 -13.63 5.65
C SER A 192 -50.04 -12.78 6.39
N SER A 193 -49.77 -12.39 7.63
CA SER A 193 -50.74 -11.65 8.41
C SER A 193 -50.82 -10.18 8.02
N THR A 194 -49.87 -9.68 7.22
CA THR A 194 -49.86 -8.27 6.81
C THR A 194 -49.97 -8.08 5.31
N TRP A 195 -49.70 -9.10 4.51
CA TRP A 195 -49.83 -9.02 3.06
C TRP A 195 -50.90 -9.98 2.58
N PRO A 196 -51.80 -9.56 1.66
CA PRO A 196 -51.90 -8.25 1.02
C PRO A 196 -52.88 -7.30 1.70
N SER A 197 -53.00 -7.39 3.02
CA SER A 197 -53.87 -6.46 3.73
C SER A 197 -53.25 -5.08 3.83
N GLU A 198 -51.94 -5.02 4.11
CA GLU A 198 -51.22 -3.76 4.22
C GLU A 198 -50.36 -3.54 2.98
N THR A 199 -49.92 -2.29 2.82
CA THR A 199 -49.17 -1.87 1.64
C THR A 199 -47.68 -1.99 1.92
N VAL A 200 -46.99 -2.81 1.13
CA VAL A 200 -45.54 -2.96 1.19
C VAL A 200 -44.96 -2.44 -0.11
N THR A 201 -44.10 -1.42 -0.02
CA THR A 201 -43.56 -0.74 -1.18
C THR A 201 -42.05 -0.81 -1.17
N CYS A 202 -41.45 -0.51 -2.33
CA CYS A 202 -40.01 -0.57 -2.54
C CYS A 202 -39.53 0.81 -2.98
N ASN A 203 -38.60 1.38 -2.23
CA ASN A 203 -38.10 2.73 -2.46
C ASN A 203 -36.64 2.62 -2.90
N VAL A 204 -36.39 2.95 -4.15
CA VAL A 204 -35.03 2.99 -4.71
C VAL A 204 -34.70 4.43 -5.03
N ALA A 205 -33.56 4.90 -4.54
CA ALA A 205 -33.11 6.26 -4.77
C ALA A 205 -31.71 6.25 -5.37
N HIS A 206 -31.44 7.25 -6.21
CA HIS A 206 -30.16 7.37 -6.89
C HIS A 206 -29.48 8.67 -6.48
N PRO A 207 -28.33 8.63 -5.80
CA PRO A 207 -27.66 9.87 -5.40
C PRO A 207 -26.97 10.59 -6.55
N ALA A 208 -26.69 9.89 -7.66
CA ALA A 208 -26.01 10.50 -8.79
C ALA A 208 -26.96 11.18 -9.77
N SER A 209 -28.27 10.96 -9.64
CA SER A 209 -29.25 11.62 -10.48
C SER A 209 -30.30 12.39 -9.69
N SER A 210 -30.36 12.21 -8.36
CA SER A 210 -31.33 12.86 -7.46
C SER A 210 -32.77 12.57 -7.87
N THR A 211 -33.06 11.29 -8.09
CA THR A 211 -34.38 10.84 -8.51
C THR A 211 -34.94 9.88 -7.47
N LYS A 212 -36.12 10.20 -6.96
CA LYS A 212 -36.80 9.39 -5.95
C LYS A 212 -37.99 8.70 -6.61
N VAL A 213 -37.95 7.37 -6.67
CA VAL A 213 -39.00 6.58 -7.30
C VAL A 213 -39.40 5.47 -6.34
N ASP A 214 -40.71 5.27 -6.19
CA ASP A 214 -41.26 4.21 -5.35
C ASP A 214 -42.35 3.47 -6.12
N LYS A 215 -42.40 2.16 -5.93
CA LYS A 215 -43.39 1.32 -6.59
C LYS A 215 -44.02 0.41 -5.54
N LYS A 216 -45.35 0.46 -5.45
CA LYS A 216 -46.09 -0.39 -4.54
C LYS A 216 -46.24 -1.78 -5.12
N ILE A 217 -46.03 -2.79 -4.28
CA ILE A 217 -46.24 -4.18 -4.69
C ILE A 217 -47.74 -4.45 -4.72
N VAL A 218 -48.25 -4.77 -5.90
CA VAL A 218 -49.68 -5.04 -6.11
C VAL A 218 -49.86 -6.53 -6.31
N PRO A 219 -50.80 -7.18 -5.62
CA PRO A 219 -51.04 -8.61 -5.85
C PRO A 219 -51.71 -8.83 -7.21
N ARG A 220 -51.09 -9.66 -8.03
CA ARG A 220 -51.63 -9.94 -9.35
C ARG A 220 -51.48 -11.42 -9.70
N ASP B 1 8.49 -14.80 -12.36
CA ASP B 1 8.54 -14.38 -10.97
C ASP B 1 8.03 -15.47 -10.04
N ILE B 2 7.93 -15.14 -8.76
CA ILE B 2 7.50 -16.10 -7.76
C ILE B 2 5.99 -16.27 -7.86
N VAL B 3 5.53 -17.51 -7.84
CA VAL B 3 4.10 -17.82 -7.87
C VAL B 3 3.71 -18.27 -6.46
N MET B 4 3.03 -17.38 -5.73
CA MET B 4 2.59 -17.67 -4.37
C MET B 4 1.21 -18.31 -4.44
N THR B 5 1.14 -19.61 -4.16
CA THR B 5 -0.09 -20.38 -4.29
C THR B 5 -0.72 -20.59 -2.92
N GLN B 6 -2.01 -20.33 -2.82
CA GLN B 6 -2.78 -20.59 -1.61
C GLN B 6 -3.86 -21.62 -1.93
N SER B 7 -4.01 -22.61 -1.05
CA SER B 7 -4.97 -23.69 -1.24
C SER B 7 -5.42 -24.18 0.12
N GLN B 8 -6.72 -24.15 0.39
CA GLN B 8 -7.78 -23.72 -0.54
C GLN B 8 -8.03 -22.22 -0.46
N LYS B 9 -9.12 -21.78 -1.07
CA LYS B 9 -9.55 -20.38 -0.99
C LYS B 9 -10.62 -20.14 0.07
N PHE B 10 -11.42 -21.15 0.40
CA PHE B 10 -12.44 -21.03 1.42
C PHE B 10 -12.11 -21.94 2.61
N MET B 11 -12.40 -21.44 3.81
CA MET B 11 -12.26 -22.21 5.03
C MET B 11 -13.39 -21.83 5.98
N SER B 12 -13.88 -22.81 6.73
CA SER B 12 -15.01 -22.60 7.63
C SER B 12 -14.65 -23.10 9.02
N THR B 13 -14.49 -22.16 9.95
CA THR B 13 -14.21 -22.48 11.35
C THR B 13 -15.12 -21.64 12.25
N SER B 14 -15.70 -22.28 13.26
CA SER B 14 -16.55 -21.59 14.20
C SER B 14 -15.71 -20.84 15.22
N VAL B 15 -16.38 -20.12 16.13
CA VAL B 15 -15.68 -19.33 17.13
C VAL B 15 -15.05 -20.25 18.18
N GLY B 16 -13.94 -19.80 18.73
CA GLY B 16 -13.22 -20.61 19.69
C GLY B 16 -12.51 -21.81 19.11
N ASP B 17 -12.14 -21.76 17.84
CA ASP B 17 -11.52 -22.88 17.15
C ASP B 17 -10.17 -22.45 16.56
N ARG B 18 -9.30 -23.42 16.37
CA ARG B 18 -7.96 -23.20 15.81
C ARG B 18 -8.02 -23.34 14.29
N VAL B 19 -7.48 -22.35 13.59
CA VAL B 19 -7.46 -22.32 12.13
C VAL B 19 -6.03 -22.08 11.66
N SER B 20 -5.65 -22.69 10.54
CA SER B 20 -4.33 -22.53 9.97
C SER B 20 -4.45 -22.13 8.51
N VAL B 21 -3.85 -20.99 8.16
CA VAL B 21 -3.81 -20.51 6.78
C VAL B 21 -2.40 -20.72 6.24
N THR B 22 -2.30 -21.40 5.12
CA THR B 22 -1.00 -21.74 4.52
C THR B 22 -0.90 -21.20 3.10
N CYS B 23 0.33 -20.92 2.68
CA CYS B 23 0.63 -20.57 1.31
C CYS B 23 2.08 -20.90 0.99
N LYS B 24 2.32 -21.38 -0.24
CA LYS B 24 3.61 -21.90 -0.66
C LYS B 24 4.30 -20.89 -1.57
N ALA B 25 5.60 -21.08 -1.76
CA ALA B 25 6.40 -20.27 -2.66
C ALA B 25 7.04 -21.15 -3.72
N SER B 26 7.51 -20.51 -4.79
CA SER B 26 8.10 -21.25 -5.89
C SER B 26 9.60 -21.46 -5.69
N GLN B 27 10.34 -20.38 -5.44
CA GLN B 27 11.77 -20.42 -5.24
C GLN B 27 12.09 -20.18 -3.77
N ASN B 28 13.39 -20.11 -3.45
CA ASN B 28 13.86 -19.96 -2.09
C ASN B 28 13.63 -18.52 -1.64
N VAL B 29 12.50 -18.29 -0.97
CA VAL B 29 12.20 -16.94 -0.50
C VAL B 29 13.01 -16.62 0.77
N GLY B 30 13.29 -17.63 1.60
CA GLY B 30 14.07 -17.41 2.79
C GLY B 30 13.23 -17.28 4.04
N THR B 31 13.14 -16.07 4.57
CA THR B 31 12.44 -15.83 5.82
C THR B 31 11.43 -14.69 5.64
N ASN B 32 11.76 -13.72 4.80
CA ASN B 32 11.01 -12.48 4.69
C ASN B 32 9.72 -12.71 3.90
N VAL B 33 8.65 -13.05 4.62
CA VAL B 33 7.30 -13.09 4.09
C VAL B 33 6.41 -12.24 4.99
N ALA B 34 5.15 -12.09 4.60
CA ALA B 34 4.23 -11.27 5.37
C ALA B 34 2.83 -11.85 5.30
N TRP B 35 1.94 -11.30 6.12
CA TRP B 35 0.53 -11.65 6.12
C TRP B 35 -0.28 -10.41 6.42
N TYR B 36 -1.48 -10.34 5.85
CA TYR B 36 -2.32 -9.16 5.96
C TYR B 36 -3.74 -9.56 6.33
N GLN B 37 -4.57 -8.56 6.62
CA GLN B 37 -5.96 -8.77 7.01
C GLN B 37 -6.80 -7.69 6.35
N GLN B 38 -7.80 -8.09 5.57
CA GLN B 38 -8.63 -7.17 4.81
C GLN B 38 -10.09 -7.39 5.14
N LYS B 39 -10.71 -6.43 5.83
CA LYS B 39 -12.14 -6.43 6.02
C LYS B 39 -12.84 -6.18 4.68
N PRO B 40 -14.07 -6.66 4.51
CA PRO B 40 -14.79 -6.44 3.24
C PRO B 40 -15.13 -4.97 3.05
N GLY B 41 -14.55 -4.38 2.01
CA GLY B 41 -14.72 -2.97 1.70
C GLY B 41 -13.66 -2.06 2.28
N GLN B 42 -13.13 -2.40 3.45
CA GLN B 42 -12.13 -1.57 4.11
C GLN B 42 -10.74 -1.84 3.54
N SER B 43 -9.75 -1.15 4.08
CA SER B 43 -8.37 -1.23 3.65
C SER B 43 -7.64 -2.34 4.40
N PRO B 44 -6.70 -3.00 3.73
CA PRO B 44 -5.94 -4.08 4.40
C PRO B 44 -4.98 -3.53 5.44
N LYS B 45 -4.84 -4.26 6.54
CA LYS B 45 -3.91 -3.93 7.60
C LYS B 45 -2.93 -5.08 7.77
N ALA B 46 -1.76 -4.77 8.33
CA ALA B 46 -0.69 -5.74 8.45
C ALA B 46 -0.78 -6.49 9.77
N LEU B 47 -0.52 -7.79 9.70
CA LEU B 47 -0.61 -8.67 10.87
C LEU B 47 0.73 -9.26 11.28
N ILE B 48 1.44 -9.92 10.36
CA ILE B 48 2.66 -10.63 10.66
C ILE B 48 3.71 -10.27 9.61
N TYR B 49 4.90 -9.88 10.06
CA TYR B 49 6.04 -9.68 9.16
C TYR B 49 7.18 -10.60 9.55
N SER B 50 7.88 -11.11 8.54
CA SER B 50 9.03 -12.02 8.66
C SER B 50 8.70 -13.29 9.42
N THR B 51 7.44 -13.74 9.31
CA THR B 51 6.83 -15.00 9.80
C THR B 51 7.11 -15.32 11.27
N SER B 52 7.56 -14.35 12.07
CA SER B 52 7.73 -14.59 13.49
C SER B 52 7.39 -13.41 14.38
N TYR B 53 6.96 -12.28 13.83
CA TYR B 53 6.79 -11.07 14.61
C TYR B 53 5.47 -10.39 14.25
N ARG B 54 4.81 -9.83 15.25
CA ARG B 54 3.54 -9.16 15.09
C ARG B 54 3.77 -7.68 14.81
N TYR B 55 2.70 -6.89 14.87
CA TYR B 55 2.77 -5.44 14.65
C TYR B 55 2.31 -4.72 15.93
N SER B 56 2.18 -3.41 15.81
CA SER B 56 1.76 -2.57 16.92
C SER B 56 0.25 -2.34 16.81
N GLY B 57 -0.52 -3.07 17.59
CA GLY B 57 -1.96 -2.97 17.59
C GLY B 57 -2.70 -4.23 17.20
N VAL B 58 -1.99 -5.26 16.73
CA VAL B 58 -2.62 -6.52 16.35
C VAL B 58 -2.65 -7.42 17.59
N PRO B 59 -3.60 -8.36 17.67
CA PRO B 59 -3.63 -9.25 18.83
C PRO B 59 -2.49 -10.24 18.83
N ASP B 60 -2.21 -10.79 20.01
CA ASP B 60 -1.10 -11.71 20.20
C ASP B 60 -1.44 -13.14 19.77
N ARG B 61 -2.71 -13.42 19.47
CA ARG B 61 -3.09 -14.76 19.04
C ARG B 61 -2.66 -15.06 17.60
N PHE B 62 -2.33 -14.04 16.82
CA PHE B 62 -1.85 -14.23 15.46
C PHE B 62 -0.38 -14.60 15.50
N THR B 63 -0.08 -15.89 15.41
CA THR B 63 1.30 -16.37 15.40
C THR B 63 1.62 -17.01 14.06
N GLY B 64 2.90 -17.04 13.74
CA GLY B 64 3.36 -17.60 12.47
C GLY B 64 4.61 -18.41 12.67
N SER B 65 4.78 -19.40 11.80
CA SER B 65 5.95 -20.28 11.83
C SER B 65 6.34 -20.59 10.39
N GLY B 66 7.23 -21.56 10.23
CA GLY B 66 7.61 -22.01 8.91
C GLY B 66 8.72 -21.19 8.28
N SER B 67 9.52 -21.82 7.42
CA SER B 67 10.60 -21.13 6.73
C SER B 67 10.91 -21.87 5.45
N GLY B 68 11.47 -21.14 4.48
CA GLY B 68 11.88 -21.72 3.22
C GLY B 68 10.77 -21.86 2.21
N THR B 69 9.93 -22.88 2.37
CA THR B 69 8.83 -23.15 1.44
C THR B 69 7.47 -22.96 2.11
N ASP B 70 7.20 -23.66 3.20
CA ASP B 70 5.90 -23.64 3.83
C ASP B 70 5.83 -22.54 4.88
N PHE B 71 4.71 -21.82 4.89
CA PHE B 71 4.43 -20.80 5.89
C PHE B 71 3.01 -20.98 6.39
N THR B 72 2.82 -20.80 7.70
CA THR B 72 1.53 -21.05 8.31
C THR B 72 1.18 -19.91 9.25
N LEU B 73 0.00 -19.35 9.08
CA LEU B 73 -0.54 -18.32 9.96
C LEU B 73 -1.63 -18.97 10.80
N THR B 74 -1.27 -19.38 12.01
CA THR B 74 -2.17 -20.11 12.90
C THR B 74 -2.80 -19.14 13.88
N ILE B 75 -4.12 -19.25 14.04
CA ILE B 75 -4.88 -18.43 14.99
C ILE B 75 -5.47 -19.36 16.03
N SER B 76 -5.30 -19.00 17.31
CA SER B 76 -5.76 -19.87 18.39
C SER B 76 -7.25 -19.70 18.67
N ASN B 77 -7.65 -18.52 19.13
CA ASN B 77 -9.02 -18.26 19.57
C ASN B 77 -9.63 -17.21 18.65
N VAL B 78 -10.33 -17.67 17.60
CA VAL B 78 -10.89 -16.76 16.61
C VAL B 78 -12.13 -16.08 17.18
N GLN B 79 -12.50 -14.95 16.57
CA GLN B 79 -13.65 -14.18 17.01
C GLN B 79 -14.48 -13.74 15.81
N SER B 80 -15.47 -12.87 16.06
CA SER B 80 -16.25 -12.33 14.96
C SER B 80 -15.48 -11.30 14.16
N GLU B 81 -14.45 -10.69 14.75
CA GLU B 81 -13.59 -9.76 14.04
C GLU B 81 -12.50 -10.47 13.25
N ASP B 82 -12.40 -11.78 13.35
CA ASP B 82 -11.39 -12.54 12.63
C ASP B 82 -11.80 -12.77 11.17
N LEU B 83 -13.09 -12.64 10.86
CA LEU B 83 -13.61 -12.87 9.52
C LEU B 83 -13.15 -11.76 8.59
N ALA B 84 -12.18 -12.06 7.75
CA ALA B 84 -11.60 -11.09 6.83
C ALA B 84 -10.97 -11.86 5.66
N GLU B 85 -10.16 -11.16 4.88
CA GLU B 85 -9.42 -11.75 3.77
C GLU B 85 -7.93 -11.70 4.11
N TYR B 86 -7.28 -12.86 4.06
CA TYR B 86 -5.88 -12.99 4.47
C TYR B 86 -5.02 -13.31 3.26
N PHE B 87 -3.97 -12.51 3.05
CA PHE B 87 -3.06 -12.64 1.92
C PHE B 87 -1.65 -12.88 2.44
N CYS B 88 -0.75 -13.32 1.56
CA CYS B 88 0.65 -13.47 1.94
C CYS B 88 1.53 -12.88 0.86
N GLN B 89 2.58 -12.16 1.27
CA GLN B 89 3.47 -11.42 0.39
C GLN B 89 4.89 -11.96 0.57
N GLN B 90 5.77 -11.64 -0.37
CA GLN B 90 7.18 -11.93 -0.27
C GLN B 90 7.98 -10.64 -0.41
N TYR B 91 9.21 -10.66 0.12
CA TYR B 91 10.09 -9.50 0.08
C TYR B 91 11.49 -9.90 -0.39
N ASN B 92 11.57 -10.90 -1.25
CA ASN B 92 12.86 -11.46 -1.65
C ASN B 92 13.41 -10.82 -2.91
N SER B 93 12.63 -10.80 -3.99
CA SER B 93 13.10 -10.28 -5.28
C SER B 93 12.01 -9.44 -5.91
N TYR B 94 12.40 -8.28 -6.43
CA TYR B 94 11.44 -7.43 -7.11
C TYR B 94 11.08 -8.02 -8.47
N PRO B 95 9.80 -7.94 -8.89
CA PRO B 95 8.66 -7.29 -8.22
C PRO B 95 8.01 -8.17 -7.16
N TYR B 96 7.29 -7.52 -6.24
CA TYR B 96 6.65 -8.24 -5.15
C TYR B 96 5.45 -9.02 -5.68
N THR B 97 5.36 -10.29 -5.28
CA THR B 97 4.30 -11.18 -5.72
C THR B 97 3.39 -11.49 -4.53
N PHE B 98 2.16 -10.97 -4.58
CA PHE B 98 1.18 -11.28 -3.57
C PHE B 98 0.63 -12.69 -3.77
N GLY B 99 -0.15 -13.15 -2.78
CA GLY B 99 -0.75 -14.46 -2.83
C GLY B 99 -2.12 -14.44 -3.47
N GLY B 100 -2.87 -15.51 -3.23
CA GLY B 100 -4.20 -15.63 -3.77
C GLY B 100 -5.27 -15.08 -2.85
N GLY B 101 -5.27 -15.50 -1.60
CA GLY B 101 -6.23 -15.02 -0.64
C GLY B 101 -7.10 -16.15 -0.11
N THR B 102 -7.43 -16.08 1.17
CA THR B 102 -8.27 -17.07 1.82
C THR B 102 -9.30 -16.36 2.68
N LYS B 103 -10.57 -16.67 2.45
CA LYS B 103 -11.67 -16.08 3.20
C LYS B 103 -12.15 -17.05 4.27
N LEU B 104 -12.42 -16.52 5.45
CA LEU B 104 -12.91 -17.31 6.58
C LEU B 104 -14.43 -17.34 6.59
N GLU B 105 -14.98 -18.38 7.18
CA GLU B 105 -16.42 -18.56 7.23
C GLU B 105 -16.79 -19.22 8.56
N ILE B 106 -18.06 -19.07 8.94
CA ILE B 106 -18.59 -19.66 10.16
C ILE B 106 -19.30 -20.95 9.79
N LYS B 107 -19.03 -22.02 10.55
CA LYS B 107 -19.71 -23.28 10.34
C LYS B 107 -21.16 -23.20 10.80
N ARG B 108 -22.04 -23.85 10.03
CA ARG B 108 -23.47 -23.84 10.31
C ARG B 108 -24.05 -25.20 9.98
N ALA B 109 -25.30 -25.41 10.38
CA ALA B 109 -26.00 -26.64 10.04
C ALA B 109 -26.43 -26.60 8.57
N ASP B 110 -26.74 -27.78 8.05
CA ASP B 110 -27.17 -27.90 6.65
C ASP B 110 -28.62 -27.43 6.51
N ALA B 111 -28.86 -26.56 5.54
CA ALA B 111 -30.20 -26.02 5.32
C ALA B 111 -30.45 -25.89 3.82
N ALA B 112 -31.61 -26.33 3.38
CA ALA B 112 -32.01 -26.26 1.99
C ALA B 112 -32.46 -24.84 1.64
N PRO B 113 -32.23 -24.40 0.41
CA PRO B 113 -32.70 -23.07 0.00
C PRO B 113 -34.21 -23.04 -0.19
N THR B 114 -34.76 -21.84 -0.07
CA THR B 114 -36.18 -21.58 -0.31
C THR B 114 -36.29 -20.82 -1.62
N VAL B 115 -36.45 -21.56 -2.71
CA VAL B 115 -36.47 -20.96 -4.04
C VAL B 115 -37.80 -20.25 -4.28
N SER B 116 -37.77 -19.22 -5.10
CA SER B 116 -38.95 -18.44 -5.44
C SER B 116 -38.74 -17.82 -6.80
N ILE B 117 -39.63 -18.12 -7.75
CA ILE B 117 -39.59 -17.54 -9.09
C ILE B 117 -40.60 -16.41 -9.16
N PHE B 118 -40.25 -15.36 -9.90
CA PHE B 118 -41.13 -14.21 -10.08
C PHE B 118 -41.27 -13.93 -11.57
N PRO B 119 -42.46 -14.11 -12.14
CA PRO B 119 -42.67 -13.79 -13.56
C PRO B 119 -42.62 -12.29 -13.78
N PRO B 120 -42.37 -11.85 -15.02
CA PRO B 120 -42.31 -10.40 -15.27
C PRO B 120 -43.67 -9.74 -15.15
N SER B 121 -43.69 -8.56 -14.54
CA SER B 121 -44.93 -7.85 -14.26
C SER B 121 -45.46 -7.19 -15.52
N SER B 122 -46.60 -6.50 -15.38
CA SER B 122 -47.22 -5.84 -16.52
C SER B 122 -46.44 -4.60 -16.95
N GLU B 123 -45.68 -3.99 -16.05
CA GLU B 123 -44.84 -2.86 -16.44
C GLU B 123 -43.65 -3.33 -17.27
N GLN B 124 -43.18 -4.56 -17.03
CA GLN B 124 -42.17 -5.15 -17.91
C GLN B 124 -42.75 -5.48 -19.27
N LEU B 125 -44.03 -5.84 -19.34
CA LEU B 125 -44.66 -6.22 -20.60
C LEU B 125 -44.90 -5.05 -21.53
N THR B 126 -44.82 -3.81 -21.05
CA THR B 126 -44.98 -2.62 -21.88
C THR B 126 -43.71 -1.80 -21.97
N SER B 127 -42.55 -2.38 -21.66
CA SER B 127 -41.30 -1.63 -21.60
C SER B 127 -40.42 -1.81 -22.82
N GLY B 128 -40.27 -3.03 -23.31
CA GLY B 128 -39.32 -3.30 -24.38
C GLY B 128 -38.63 -4.64 -24.22
N GLY B 129 -38.56 -5.15 -23.00
CA GLY B 129 -37.97 -6.45 -22.73
C GLY B 129 -38.59 -7.09 -21.51
N ALA B 130 -38.17 -8.32 -21.24
CA ALA B 130 -38.68 -9.08 -20.12
C ALA B 130 -37.53 -9.80 -19.42
N SER B 131 -37.72 -10.04 -18.13
CA SER B 131 -36.70 -10.72 -17.34
C SER B 131 -37.37 -11.43 -16.18
N VAL B 132 -37.20 -12.75 -16.11
CA VAL B 132 -37.76 -13.55 -15.03
C VAL B 132 -36.63 -13.88 -14.06
N VAL B 133 -36.92 -13.75 -12.76
CA VAL B 133 -35.90 -13.90 -11.73
C VAL B 133 -36.26 -15.08 -10.85
N CYS B 134 -35.23 -15.65 -10.21
CA CYS B 134 -35.39 -16.81 -9.34
C CYS B 134 -34.55 -16.57 -8.10
N PHE B 135 -35.19 -16.15 -7.02
CA PHE B 135 -34.48 -15.87 -5.78
C PHE B 135 -34.19 -17.17 -5.04
N LEU B 136 -33.04 -17.21 -4.38
CA LEU B 136 -32.66 -18.31 -3.51
C LEU B 136 -32.11 -17.72 -2.22
N ASN B 137 -32.74 -18.05 -1.10
CA ASN B 137 -32.44 -17.41 0.18
C ASN B 137 -32.17 -18.44 1.26
N ASN B 138 -31.21 -18.11 2.14
CA ASN B 138 -30.94 -18.80 3.41
C ASN B 138 -30.58 -20.28 3.20
N PHE B 139 -29.44 -20.49 2.56
CA PHE B 139 -28.92 -21.82 2.32
C PHE B 139 -27.48 -21.91 2.80
N TYR B 140 -27.04 -23.16 3.07
CA TYR B 140 -25.69 -23.46 3.50
C TYR B 140 -25.37 -24.88 3.05
N PRO B 141 -24.18 -25.14 2.50
CA PRO B 141 -23.05 -24.23 2.28
C PRO B 141 -23.11 -23.44 0.98
N LYS B 142 -21.94 -22.94 0.54
CA LYS B 142 -21.89 -22.00 -0.57
C LYS B 142 -22.07 -22.69 -1.92
N ASP B 143 -21.73 -23.96 -2.03
CA ASP B 143 -21.76 -24.63 -3.33
C ASP B 143 -23.19 -24.90 -3.77
N ILE B 144 -23.50 -24.53 -5.01
CA ILE B 144 -24.86 -24.63 -5.55
C ILE B 144 -24.73 -24.58 -7.07
N ASN B 145 -25.76 -25.06 -7.76
CA ASN B 145 -25.79 -25.07 -9.22
C ASN B 145 -27.22 -24.83 -9.66
N VAL B 146 -27.47 -23.67 -10.25
CA VAL B 146 -28.78 -23.34 -10.78
C VAL B 146 -28.79 -23.64 -12.27
N LYS B 147 -29.96 -24.04 -12.77
CA LYS B 147 -30.11 -24.42 -14.17
C LYS B 147 -31.50 -24.02 -14.64
N TRP B 148 -31.55 -23.09 -15.59
CA TRP B 148 -32.82 -22.64 -16.15
C TRP B 148 -33.19 -23.52 -17.33
N LYS B 149 -34.30 -24.25 -17.20
CA LYS B 149 -34.79 -25.15 -18.23
C LYS B 149 -36.00 -24.53 -18.91
N ILE B 150 -35.98 -24.48 -20.24
CA ILE B 150 -37.07 -23.89 -21.01
C ILE B 150 -37.82 -25.02 -21.70
N ASP B 151 -38.93 -25.47 -21.09
CA ASP B 151 -39.72 -26.63 -21.53
C ASP B 151 -38.87 -27.88 -21.69
N GLY B 152 -37.93 -28.07 -20.77
CA GLY B 152 -37.05 -29.22 -20.81
C GLY B 152 -35.71 -28.98 -21.48
N SER B 153 -35.47 -27.78 -22.00
CA SER B 153 -34.22 -27.44 -22.65
C SER B 153 -33.48 -26.42 -21.80
N GLU B 154 -32.23 -26.73 -21.45
CA GLU B 154 -31.42 -25.85 -20.61
C GLU B 154 -30.97 -24.64 -21.42
N ARG B 155 -31.26 -23.45 -20.89
CA ARG B 155 -30.88 -22.20 -21.52
C ARG B 155 -29.59 -21.68 -20.90
N GLN B 156 -28.66 -21.24 -21.75
CA GLN B 156 -27.37 -20.79 -21.29
C GLN B 156 -27.07 -19.33 -21.58
N ASN B 157 -27.69 -18.73 -22.59
CA ASN B 157 -27.43 -17.34 -22.92
C ASN B 157 -28.30 -16.42 -22.07
N GLY B 158 -27.71 -15.32 -21.61
CA GLY B 158 -28.43 -14.36 -20.80
C GLY B 158 -28.76 -14.79 -19.40
N VAL B 159 -28.19 -15.90 -18.92
CA VAL B 159 -28.43 -16.39 -17.57
C VAL B 159 -27.32 -15.82 -16.69
N LEU B 160 -27.63 -14.73 -16.01
CA LEU B 160 -26.69 -14.06 -15.12
C LEU B 160 -26.99 -14.43 -13.67
N ASN B 161 -25.95 -14.41 -12.84
CA ASN B 161 -26.07 -14.77 -11.44
C ASN B 161 -25.38 -13.72 -10.58
N SER B 162 -25.76 -13.69 -9.30
CA SER B 162 -25.21 -12.72 -8.35
C SER B 162 -25.29 -13.33 -6.96
N TRP B 163 -24.15 -13.83 -6.47
CA TRP B 163 -24.09 -14.35 -5.12
C TRP B 163 -23.89 -13.21 -4.12
N THR B 164 -24.11 -13.52 -2.85
CA THR B 164 -23.91 -12.56 -1.76
C THR B 164 -22.82 -13.05 -0.84
N ASP B 165 -22.33 -12.13 -0.01
CA ASP B 165 -21.49 -12.50 1.13
C ASP B 165 -22.36 -13.07 2.25
N GLN B 166 -21.71 -13.58 3.28
CA GLN B 166 -22.43 -14.21 4.36
C GLN B 166 -23.12 -13.17 5.24
N ASP B 167 -24.36 -13.48 5.63
CA ASP B 167 -25.12 -12.60 6.49
C ASP B 167 -24.52 -12.60 7.89
N SER B 168 -24.44 -11.42 8.49
CA SER B 168 -23.80 -11.25 9.79
C SER B 168 -24.75 -11.51 10.96
N LYS B 169 -25.89 -12.17 10.72
CA LYS B 169 -26.86 -12.45 11.77
C LYS B 169 -27.22 -13.92 11.85
N ASP B 170 -27.25 -14.63 10.73
CA ASP B 170 -27.65 -16.03 10.72
C ASP B 170 -26.64 -16.92 10.01
N SER B 171 -25.59 -16.34 9.41
CA SER B 171 -24.52 -17.04 8.69
C SER B 171 -25.06 -17.90 7.54
N THR B 172 -25.99 -17.34 6.78
CA THR B 172 -26.56 -18.00 5.61
C THR B 172 -26.23 -17.22 4.34
N TYR B 173 -26.23 -17.92 3.22
CA TYR B 173 -25.98 -17.32 1.93
C TYR B 173 -27.29 -16.95 1.25
N SER B 174 -27.18 -16.16 0.18
CA SER B 174 -28.31 -15.84 -0.70
C SER B 174 -27.75 -15.59 -2.10
N MET B 175 -28.58 -15.89 -3.11
CA MET B 175 -28.17 -15.67 -4.49
C MET B 175 -29.42 -15.46 -5.34
N SER B 176 -29.19 -14.90 -6.53
CA SER B 176 -30.28 -14.59 -7.45
C SER B 176 -29.85 -14.94 -8.86
N SER B 177 -30.83 -15.21 -9.72
CA SER B 177 -30.60 -15.61 -11.10
C SER B 177 -31.50 -14.79 -12.01
N THR B 178 -30.89 -14.01 -12.89
CA THR B 178 -31.60 -13.14 -13.81
C THR B 178 -31.49 -13.72 -15.21
N LEU B 179 -32.65 -14.05 -15.81
CA LEU B 179 -32.71 -14.57 -17.17
C LEU B 179 -33.34 -13.51 -18.05
N THR B 180 -32.55 -12.92 -18.93
CA THR B 180 -33.01 -11.84 -19.80
C THR B 180 -33.31 -12.36 -21.19
N LEU B 181 -34.37 -11.81 -21.80
CA LEU B 181 -34.86 -12.23 -23.11
C LEU B 181 -35.83 -11.15 -23.60
N THR B 182 -36.27 -11.31 -24.85
CA THR B 182 -37.16 -10.31 -25.43
C THR B 182 -38.62 -10.72 -25.23
N LYS B 183 -39.53 -9.97 -25.89
CA LYS B 183 -40.96 -10.13 -25.65
C LYS B 183 -41.50 -11.44 -26.21
N ASP B 184 -41.39 -11.63 -27.52
CA ASP B 184 -42.01 -12.79 -28.17
C ASP B 184 -41.30 -14.09 -27.81
N GLU B 185 -40.03 -14.01 -27.39
CA GLU B 185 -39.36 -15.20 -26.88
C GLU B 185 -39.89 -15.61 -25.51
N TYR B 186 -40.47 -14.67 -24.76
CA TYR B 186 -41.11 -15.03 -23.49
C TYR B 186 -42.44 -15.71 -23.72
N GLU B 187 -43.19 -15.27 -24.73
CA GLU B 187 -44.47 -15.88 -25.07
C GLU B 187 -44.35 -16.92 -26.17
N ARG B 188 -43.13 -17.36 -26.50
CA ARG B 188 -42.98 -18.48 -27.42
C ARG B 188 -43.23 -19.82 -26.73
N HIS B 189 -42.81 -19.96 -25.49
CA HIS B 189 -42.98 -21.19 -24.73
C HIS B 189 -44.11 -21.01 -23.72
N ASN B 190 -44.39 -22.09 -22.97
CA ASN B 190 -45.52 -22.13 -22.06
C ASN B 190 -45.14 -22.32 -20.59
N SER B 191 -43.97 -22.87 -20.30
CA SER B 191 -43.57 -23.12 -18.92
C SER B 191 -42.13 -22.69 -18.70
N TYR B 192 -41.82 -22.33 -17.46
CA TYR B 192 -40.47 -21.97 -17.06
C TYR B 192 -40.22 -22.50 -15.66
N THR B 193 -39.05 -23.08 -15.45
CA THR B 193 -38.70 -23.68 -14.16
C THR B 193 -37.30 -23.26 -13.77
N CYS B 194 -37.04 -23.30 -12.46
CA CYS B 194 -35.76 -22.89 -11.88
C CYS B 194 -35.19 -24.08 -11.12
N GLU B 195 -34.43 -24.92 -11.81
CA GLU B 195 -33.80 -26.06 -11.19
C GLU B 195 -32.57 -25.63 -10.40
N ALA B 196 -32.47 -26.11 -9.16
CA ALA B 196 -31.33 -25.79 -8.31
C ALA B 196 -31.02 -27.01 -7.46
N THR B 197 -29.81 -27.54 -7.59
CA THR B 197 -29.39 -28.71 -6.84
C THR B 197 -28.53 -28.30 -5.65
N HIS B 198 -28.40 -29.23 -4.71
CA HIS B 198 -27.66 -29.00 -3.48
C HIS B 198 -27.26 -30.35 -2.90
N LYS B 199 -26.35 -30.31 -1.92
CA LYS B 199 -25.94 -31.54 -1.25
C LYS B 199 -26.90 -31.96 -0.15
N THR B 200 -27.88 -31.10 0.20
CA THR B 200 -28.84 -31.43 1.23
C THR B 200 -29.96 -32.35 0.74
N SER B 201 -29.98 -32.68 -0.55
CA SER B 201 -30.98 -33.58 -1.09
C SER B 201 -30.42 -34.30 -2.31
N THR B 202 -30.99 -35.47 -2.59
CA THR B 202 -30.59 -36.21 -3.79
C THR B 202 -31.16 -35.57 -5.03
N SER B 203 -32.48 -35.46 -5.11
CA SER B 203 -33.18 -34.80 -6.20
C SER B 203 -33.16 -33.29 -6.00
N PRO B 204 -33.04 -32.51 -7.08
CA PRO B 204 -32.99 -31.05 -6.93
C PRO B 204 -34.34 -30.47 -6.57
N ILE B 205 -34.29 -29.27 -6.00
CA ILE B 205 -35.50 -28.54 -5.61
C ILE B 205 -36.15 -27.99 -6.89
N VAL B 206 -37.42 -28.31 -7.07
CA VAL B 206 -38.16 -27.95 -8.29
C VAL B 206 -39.17 -26.88 -7.95
N LYS B 207 -39.24 -25.85 -8.78
CA LYS B 207 -40.31 -24.88 -8.77
C LYS B 207 -40.53 -24.40 -10.20
N SER B 208 -41.78 -24.08 -10.53
CA SER B 208 -42.11 -23.68 -11.90
C SER B 208 -43.37 -22.85 -11.89
N PHE B 209 -43.69 -22.30 -13.06
CA PHE B 209 -44.95 -21.60 -13.29
C PHE B 209 -45.31 -21.73 -14.76
N ASN B 210 -46.58 -21.47 -15.07
CA ASN B 210 -47.10 -21.65 -16.42
C ASN B 210 -47.38 -20.29 -17.06
N ARG B 211 -47.45 -20.32 -18.40
CA ARG B 211 -47.79 -19.18 -19.26
C ARG B 211 -46.86 -17.98 -19.11
N THR C 1 66.81 23.24 18.95
CA THR C 1 65.49 23.78 18.65
C THR C 1 64.97 23.18 17.34
N ASN C 2 63.82 22.52 17.43
CA ASN C 2 63.16 21.91 16.28
C ASN C 2 61.73 22.44 16.21
N LEU C 3 61.43 23.19 15.15
CA LEU C 3 60.08 23.70 14.96
C LEU C 3 59.13 22.57 14.57
N CYS C 4 57.87 22.74 14.92
CA CYS C 4 56.88 21.72 14.63
C CYS C 4 56.56 21.71 13.14
N PRO C 5 56.37 20.54 12.54
CA PRO C 5 56.07 20.47 11.10
C PRO C 5 54.59 20.69 10.79
N PHE C 6 54.09 21.86 11.19
CA PHE C 6 52.73 22.25 10.85
C PHE C 6 52.58 22.65 9.39
N GLY C 7 53.68 23.07 8.75
CA GLY C 7 53.65 23.31 7.32
C GLY C 7 53.65 22.06 6.47
N GLU C 8 53.91 20.89 7.07
CA GLU C 8 53.86 19.65 6.31
C GLU C 8 52.43 19.23 6.03
N VAL C 9 51.55 19.33 7.02
CA VAL C 9 50.15 18.97 6.81
C VAL C 9 49.39 20.09 6.11
N PHE C 10 49.97 21.28 6.05
CA PHE C 10 49.25 22.40 5.45
C PHE C 10 49.61 22.58 3.99
N ASN C 11 50.89 22.48 3.65
CA ASN C 11 51.36 22.65 2.28
C ASN C 11 51.57 21.30 1.59
N ALA C 12 50.73 20.32 1.91
CA ALA C 12 50.87 18.98 1.34
C ALA C 12 50.39 18.97 -0.11
N THR C 13 50.75 17.91 -0.82
CA THR C 13 50.38 17.75 -2.21
C THR C 13 49.21 16.79 -2.42
N ARG C 14 48.93 15.91 -1.47
CA ARG C 14 47.88 14.91 -1.60
C ARG C 14 47.05 14.91 -0.31
N PHE C 15 45.91 15.59 -0.34
CA PHE C 15 44.98 15.58 0.77
C PHE C 15 44.07 14.36 0.68
N ALA C 16 43.23 14.17 1.68
CA ALA C 16 42.38 13.00 1.76
C ALA C 16 40.91 13.41 1.67
N SER C 17 40.05 12.41 1.47
CA SER C 17 38.62 12.63 1.43
C SER C 17 38.06 12.70 2.85
N VAL C 18 36.76 12.96 2.96
CA VAL C 18 36.16 13.19 4.27
C VAL C 18 35.72 11.88 4.95
N TYR C 19 35.59 10.79 4.19
CA TYR C 19 35.24 9.51 4.79
C TYR C 19 36.45 8.70 5.21
N ALA C 20 37.64 9.05 4.72
CA ALA C 20 38.89 8.37 5.03
C ALA C 20 39.97 9.38 5.38
N TRP C 21 39.63 10.31 6.29
CA TRP C 21 40.50 11.42 6.59
C TRP C 21 41.73 10.97 7.37
N ASN C 22 42.90 11.49 6.97
CA ASN C 22 44.14 11.11 7.59
C ASN C 22 44.35 11.86 8.90
N ARG C 23 45.25 11.33 9.72
CA ARG C 23 45.46 11.83 11.07
C ARG C 23 46.84 11.39 11.55
N LYS C 24 47.70 12.35 11.89
CA LYS C 24 48.93 12.01 12.57
C LYS C 24 49.22 13.07 13.62
N ARG C 25 49.74 12.61 14.75
CA ARG C 25 49.93 13.41 15.95
C ARG C 25 51.32 14.05 15.93
N ILE C 26 51.39 15.33 16.23
CA ILE C 26 52.64 16.07 16.29
C ILE C 26 53.07 16.17 17.75
N SER C 27 54.35 15.88 18.01
CA SER C 27 54.86 15.92 19.37
C SER C 27 56.35 16.20 19.35
N ASN C 28 56.87 16.61 20.52
CA ASN C 28 58.30 16.82 20.80
C ASN C 28 58.88 17.88 19.87
N CYS C 29 58.24 19.05 19.88
CA CYS C 29 58.71 20.21 19.14
C CYS C 29 58.13 21.46 19.79
N VAL C 30 58.63 22.62 19.37
CA VAL C 30 58.11 23.91 19.80
C VAL C 30 57.18 24.43 18.72
N ALA C 31 55.97 24.83 19.11
CA ALA C 31 54.97 25.28 18.16
C ALA C 31 55.17 26.74 17.81
N ASP C 32 54.85 27.08 16.56
CA ASP C 32 54.93 28.46 16.07
C ASP C 32 53.54 28.76 15.51
N TYR C 33 52.62 29.15 16.39
CA TYR C 33 51.26 29.46 16.02
C TYR C 33 51.08 30.89 15.56
N SER C 34 52.13 31.70 15.62
CA SER C 34 52.00 33.10 15.25
C SER C 34 51.96 33.28 13.73
N VAL C 35 52.79 32.51 13.01
CA VAL C 35 52.85 32.65 11.56
C VAL C 35 51.66 32.01 10.86
N LEU C 36 50.89 31.16 11.55
CA LEU C 36 49.69 30.58 10.96
C LEU C 36 48.58 31.61 10.88
N TYR C 37 48.33 32.34 11.97
CA TYR C 37 47.30 33.36 11.97
C TYR C 37 47.72 34.56 11.13
N ASN C 38 49.01 34.89 11.13
CA ASN C 38 49.53 36.02 10.38
C ASN C 38 49.99 35.61 8.98
N SER C 39 49.42 34.55 8.41
CA SER C 39 49.81 34.11 7.08
C SER C 39 49.04 34.84 5.98
N ALA C 40 47.84 35.35 6.31
CA ALA C 40 46.96 36.11 5.40
C ALA C 40 46.60 35.33 4.15
N SER C 41 46.52 34.01 4.25
CA SER C 41 46.16 33.15 3.14
C SER C 41 45.00 32.24 3.48
N PHE C 42 44.39 32.38 4.66
CA PHE C 42 43.29 31.54 5.09
C PHE C 42 41.98 32.32 5.05
N SER C 43 40.88 31.59 5.03
CA SER C 43 39.55 32.18 4.95
C SER C 43 38.87 32.27 6.30
N THR C 44 38.68 31.13 6.98
CA THR C 44 38.00 31.06 8.26
C THR C 44 38.98 30.50 9.30
N PHE C 45 39.40 31.35 10.24
CA PHE C 45 40.26 30.96 11.35
C PHE C 45 39.49 31.20 12.64
N LYS C 46 38.71 30.22 13.05
CA LYS C 46 37.92 30.31 14.27
C LYS C 46 38.32 29.20 15.23
N CYS C 47 38.20 29.49 16.52
CA CYS C 47 38.49 28.54 17.57
C CYS C 47 37.22 28.23 18.34
N TYR C 48 37.30 27.22 19.19
CA TYR C 48 36.15 26.79 20.00
C TYR C 48 36.67 26.37 21.37
N GLY C 49 36.68 27.31 22.31
CA GLY C 49 37.11 26.99 23.67
C GLY C 49 38.32 27.77 24.13
N VAL C 50 39.29 27.96 23.24
CA VAL C 50 40.53 28.69 23.53
C VAL C 50 40.50 29.98 22.73
N SER C 51 41.01 31.07 23.32
CA SER C 51 41.18 32.30 22.56
C SER C 51 42.24 32.09 21.48
N PRO C 52 41.99 32.54 20.25
CA PRO C 52 42.91 32.23 19.14
C PRO C 52 44.26 32.93 19.24
N THR C 53 44.36 34.02 20.00
CA THR C 53 45.64 34.70 20.18
C THR C 53 46.42 34.19 21.37
N LYS C 54 45.81 33.38 22.24
CA LYS C 54 46.45 32.87 23.45
C LYS C 54 46.95 31.45 23.27
N LEU C 55 47.46 31.10 22.09
CA LEU C 55 47.97 29.75 21.85
C LEU C 55 49.43 29.58 22.24
N ASN C 56 50.24 30.63 22.10
CA ASN C 56 51.68 30.49 22.27
C ASN C 56 52.11 30.35 23.72
N ASP C 57 51.23 30.64 24.68
CA ASP C 57 51.58 30.58 26.10
C ASP C 57 50.96 29.40 26.81
N LEU C 58 49.64 29.21 26.70
CA LEU C 58 48.96 28.10 27.36
C LEU C 58 49.04 26.90 26.42
N CYS C 59 49.83 25.91 26.81
CA CYS C 59 50.19 24.82 25.91
C CYS C 59 49.55 23.50 26.33
N PHE C 60 49.65 22.53 25.43
CA PHE C 60 48.93 21.26 25.52
C PHE C 60 49.91 20.11 25.34
N THR C 61 49.46 18.92 25.72
CA THR C 61 50.34 17.76 25.73
C THR C 61 50.35 17.00 24.40
N ASN C 62 49.32 17.14 23.58
CA ASN C 62 49.28 16.49 22.28
C ASN C 62 48.36 17.25 21.36
N VAL C 63 48.72 17.31 20.08
CA VAL C 63 47.92 17.96 19.07
C VAL C 63 47.61 16.95 17.97
N TYR C 64 46.45 17.11 17.36
CA TYR C 64 46.02 16.26 16.26
C TYR C 64 45.74 17.12 15.03
N ALA C 65 46.02 16.57 13.85
CA ALA C 65 45.83 17.26 12.59
C ALA C 65 44.97 16.39 11.69
N ASP C 66 43.71 16.78 11.52
CA ASP C 66 42.77 16.06 10.67
C ASP C 66 42.53 16.88 9.41
N SER C 67 43.01 16.37 8.27
CA SER C 67 42.96 17.10 7.01
C SER C 67 42.01 16.39 6.05
N PHE C 68 41.03 17.13 5.53
CA PHE C 68 40.09 16.58 4.56
C PHE C 68 39.51 17.73 3.74
N VAL C 69 38.95 17.38 2.58
CA VAL C 69 38.45 18.36 1.61
C VAL C 69 36.94 18.20 1.49
N ILE C 70 36.22 19.30 1.69
CA ILE C 70 34.77 19.34 1.61
C ILE C 70 34.37 20.49 0.68
N ARG C 71 33.06 20.70 0.57
CA ARG C 71 32.52 21.74 -0.28
C ARG C 71 32.65 23.11 0.39
N GLY C 72 32.20 24.14 -0.32
CA GLY C 72 32.23 25.49 0.22
C GLY C 72 31.04 25.79 1.11
N ASP C 73 29.89 25.23 0.78
CA ASP C 73 28.68 25.45 1.54
C ASP C 73 28.48 24.43 2.67
N GLU C 74 29.50 23.64 2.98
CA GLU C 74 29.42 22.68 4.07
C GLU C 74 30.57 22.80 5.06
N VAL C 75 31.33 23.90 5.01
CA VAL C 75 32.39 24.09 5.99
C VAL C 75 31.83 24.54 7.33
N ARG C 76 30.60 25.05 7.35
CA ARG C 76 29.94 25.42 8.59
C ARG C 76 29.52 24.20 9.40
N GLN C 77 29.39 23.03 8.75
CA GLN C 77 28.97 21.83 9.46
C GLN C 77 30.06 21.27 10.36
N ILE C 78 31.32 21.65 10.14
CA ILE C 78 32.41 21.24 11.04
C ILE C 78 32.46 22.30 12.12
N ALA C 79 31.60 22.14 13.13
CA ALA C 79 31.45 23.07 14.23
C ALA C 79 30.76 22.33 15.36
N PRO C 80 31.04 22.68 16.63
CA PRO C 80 30.43 21.93 17.74
C PRO C 80 28.93 22.15 17.87
N GLY C 81 28.15 21.13 17.54
CA GLY C 81 26.73 21.17 17.69
C GLY C 81 25.94 21.52 16.45
N GLN C 82 26.34 21.02 15.28
CA GLN C 82 25.64 21.30 14.03
C GLN C 82 25.21 20.01 13.37
N THR C 83 24.18 20.12 12.53
CA THR C 83 23.62 19.00 11.79
C THR C 83 23.94 19.14 10.30
N GLY C 84 23.53 18.15 9.53
CA GLY C 84 23.81 18.09 8.11
C GLY C 84 24.42 16.75 7.73
N LYS C 85 24.39 16.50 6.41
CA LYS C 85 24.80 15.21 5.89
C LYS C 85 26.31 14.99 5.94
N ILE C 86 27.09 16.05 6.11
CA ILE C 86 28.53 15.91 6.28
C ILE C 86 28.91 15.78 7.75
N ALA C 87 28.18 16.49 8.61
CA ALA C 87 28.54 16.55 10.03
C ALA C 87 28.19 15.29 10.79
N ASP C 88 27.24 14.48 10.32
CA ASP C 88 26.83 13.29 11.07
C ASP C 88 27.27 11.96 10.46
N TYR C 89 27.66 11.94 9.19
CA TYR C 89 28.01 10.70 8.52
C TYR C 89 29.49 10.60 8.16
N ASN C 90 30.25 11.69 8.23
CA ASN C 90 31.66 11.68 7.89
C ASN C 90 32.56 12.09 9.05
N TYR C 91 32.24 13.19 9.73
CA TYR C 91 33.16 13.78 10.69
C TYR C 91 32.35 14.61 11.67
N LYS C 92 32.36 14.23 12.95
CA LYS C 92 31.58 14.91 13.97
C LYS C 92 32.50 15.40 15.08
N LEU C 93 32.29 16.64 15.51
CA LEU C 93 32.95 17.32 16.61
C LEU C 93 32.07 17.28 17.87
N PRO C 94 32.62 16.96 19.02
CA PRO C 94 31.83 16.93 20.26
C PRO C 94 31.63 18.34 20.80
N ASP C 95 30.90 18.42 21.91
CA ASP C 95 30.64 19.71 22.55
C ASP C 95 31.86 20.22 23.31
N ASP C 96 32.62 19.31 23.93
CA ASP C 96 33.79 19.68 24.72
C ASP C 96 35.06 19.75 23.88
N PHE C 97 34.94 19.86 22.56
CA PHE C 97 36.09 19.98 21.67
C PHE C 97 36.73 21.35 21.86
N THR C 98 37.91 21.38 22.47
CA THR C 98 38.57 22.62 22.86
C THR C 98 39.71 22.98 21.92
N GLY C 99 39.54 22.73 20.62
CA GLY C 99 40.53 23.03 19.62
C GLY C 99 40.05 24.08 18.63
N CYS C 100 40.91 24.35 17.65
CA CYS C 100 40.67 25.35 16.63
C CYS C 100 40.62 24.70 15.26
N VAL C 101 39.68 25.16 14.43
CA VAL C 101 39.54 24.66 13.07
C VAL C 101 40.04 25.76 12.14
N ILE C 102 40.54 25.34 10.97
CA ILE C 102 41.12 26.27 10.01
C ILE C 102 40.85 25.76 8.60
N ALA C 103 40.36 26.64 7.73
CA ALA C 103 39.98 26.26 6.38
C ALA C 103 40.51 27.30 5.39
N TRP C 104 40.70 26.84 4.15
CA TRP C 104 41.07 27.73 3.05
C TRP C 104 40.60 27.11 1.74
N ASN C 105 40.44 27.97 0.74
CA ASN C 105 40.04 27.53 -0.59
C ASN C 105 41.22 26.89 -1.31
N SER C 106 40.94 25.81 -2.03
CA SER C 106 41.97 25.04 -2.74
C SER C 106 41.55 24.84 -4.18
N ASN C 107 41.10 25.94 -4.82
CA ASN C 107 40.61 25.85 -6.18
C ASN C 107 41.73 25.71 -7.21
N ASN C 108 42.90 26.26 -6.93
CA ASN C 108 43.99 26.26 -7.90
C ASN C 108 44.76 24.95 -7.95
N LEU C 109 44.43 23.96 -7.13
CA LEU C 109 45.09 22.66 -7.17
C LEU C 109 44.15 21.48 -7.35
N ASP C 110 42.92 21.57 -6.84
CA ASP C 110 41.96 20.47 -6.89
C ASP C 110 40.79 20.79 -7.81
N SER C 111 41.06 21.48 -8.92
CA SER C 111 40.03 21.74 -9.93
C SER C 111 40.70 21.70 -11.30
N LYS C 112 40.43 20.64 -12.06
CA LYS C 112 40.96 20.47 -13.41
C LYS C 112 39.81 20.13 -14.34
N VAL C 113 40.13 19.97 -15.63
CA VAL C 113 39.11 19.60 -16.60
C VAL C 113 38.75 18.13 -16.45
N GLY C 114 37.56 17.79 -16.93
CA GLY C 114 37.03 16.44 -16.84
C GLY C 114 36.22 16.17 -15.59
N GLY C 115 36.45 16.91 -14.51
CA GLY C 115 35.76 16.68 -13.27
C GLY C 115 36.53 15.78 -12.32
N ASN C 116 36.70 16.22 -11.08
CA ASN C 116 37.46 15.46 -10.09
C ASN C 116 36.50 14.59 -9.30
N TYR C 117 36.42 13.32 -9.66
CA TYR C 117 35.58 12.35 -8.98
C TYR C 117 36.35 11.53 -7.94
N ASN C 118 37.58 11.94 -7.62
CA ASN C 118 38.37 11.21 -6.64
C ASN C 118 37.95 11.55 -5.20
N TYR C 119 37.53 12.78 -4.95
CA TYR C 119 37.08 13.17 -3.63
C TYR C 119 35.68 12.63 -3.39
N ARG C 120 35.54 11.77 -2.39
CA ARG C 120 34.28 11.05 -2.15
C ARG C 120 33.80 11.30 -0.74
N TYR C 121 32.49 11.40 -0.57
CA TYR C 121 31.86 11.60 0.72
C TYR C 121 30.76 10.56 0.91
N ARG C 122 30.30 10.45 2.15
CA ARG C 122 29.29 9.47 2.52
C ARG C 122 27.93 10.15 2.58
N LEU C 123 27.00 9.68 1.76
CA LEU C 123 25.66 10.23 1.69
C LEU C 123 24.64 9.41 2.46
N PHE C 124 24.67 8.09 2.31
CA PHE C 124 23.79 7.19 3.03
C PHE C 124 24.56 6.54 4.18
N ARG C 125 23.91 6.42 5.34
CA ARG C 125 24.46 5.66 6.45
C ARG C 125 23.31 5.14 7.30
N LYS C 126 23.63 4.16 8.15
CA LYS C 126 22.61 3.51 8.97
C LYS C 126 22.15 4.43 10.09
N SER C 127 23.10 4.94 10.88
CA SER C 127 22.80 5.86 11.96
C SER C 127 23.83 6.97 11.93
N ASN C 128 23.83 7.80 12.96
CA ASN C 128 24.80 8.88 13.06
C ASN C 128 26.14 8.34 13.56
N LEU C 129 27.14 9.21 13.61
CA LEU C 129 28.49 8.84 14.02
C LEU C 129 28.83 9.44 15.37
N LYS C 130 29.60 8.69 16.15
CA LYS C 130 30.17 9.20 17.37
C LYS C 130 31.25 10.23 17.03
N PRO C 131 31.56 11.16 17.95
CA PRO C 131 32.60 12.15 17.68
C PRO C 131 33.98 11.52 17.53
N PHE C 132 34.73 12.04 16.54
CA PHE C 132 36.11 11.65 16.22
C PHE C 132 36.21 10.16 15.90
N GLU C 133 35.48 9.75 14.87
CA GLU C 133 35.43 8.36 14.44
C GLU C 133 35.22 8.30 12.94
N ARG C 134 36.00 7.44 12.27
CA ARG C 134 35.88 7.25 10.84
C ARG C 134 35.41 5.83 10.56
N ASP C 135 34.77 5.64 9.39
CA ASP C 135 34.21 4.34 9.00
C ASP C 135 34.48 4.08 7.53
N ILE C 136 35.62 3.44 7.25
CA ILE C 136 35.93 2.96 5.90
C ILE C 136 35.15 1.68 5.64
N SER C 137 34.23 1.73 4.67
CA SER C 137 33.36 0.60 4.38
C SER C 137 32.78 0.79 2.98
N THR C 138 32.47 -0.34 2.34
CA THR C 138 31.79 -0.34 1.04
C THR C 138 30.55 -1.22 1.08
N GLU C 139 29.94 -1.36 2.26
CA GLU C 139 28.74 -2.16 2.42
C GLU C 139 27.55 -1.41 1.85
N ILE C 140 26.69 -2.13 1.13
CA ILE C 140 25.53 -1.53 0.47
C ILE C 140 24.49 -1.18 1.53
N TYR C 141 24.08 0.08 1.55
CA TYR C 141 23.06 0.54 2.50
C TYR C 141 21.69 0.11 2.02
N GLN C 142 21.06 -0.79 2.77
CA GLN C 142 19.74 -1.31 2.43
C GLN C 142 18.70 -0.28 2.85
N ALA C 143 18.13 0.43 1.87
CA ALA C 143 17.19 1.51 2.16
C ALA C 143 15.77 1.02 2.31
N GLY C 144 15.35 0.03 1.54
CA GLY C 144 14.04 -0.57 1.66
C GLY C 144 14.09 -1.92 2.34
N SER C 145 12.98 -2.66 2.21
CA SER C 145 12.84 -3.94 2.87
C SER C 145 13.29 -5.12 2.01
N LYS C 146 14.05 -4.86 0.94
CA LYS C 146 14.53 -5.94 0.11
C LYS C 146 15.98 -6.26 0.47
N PRO C 147 16.29 -7.44 0.97
CA PRO C 147 17.69 -7.80 1.22
C PRO C 147 18.41 -8.11 -0.08
N CYS C 148 19.25 -7.19 -0.52
CA CYS C 148 20.04 -7.38 -1.73
C CYS C 148 21.45 -7.82 -1.35
N ASN C 149 22.02 -8.69 -2.19
CA ASN C 149 23.26 -9.38 -1.85
C ASN C 149 24.47 -8.62 -2.40
N GLY C 150 24.60 -7.38 -1.96
CA GLY C 150 25.72 -6.56 -2.39
C GLY C 150 25.66 -6.12 -3.83
N VAL C 151 24.46 -6.01 -4.40
CA VAL C 151 24.28 -5.59 -5.78
C VAL C 151 23.67 -4.19 -5.78
N GLU C 152 23.66 -3.58 -6.96
CA GLU C 152 23.09 -2.24 -7.14
C GLU C 152 21.75 -2.38 -7.85
N GLY C 153 20.69 -1.90 -7.21
CA GLY C 153 19.36 -1.98 -7.77
C GLY C 153 18.40 -1.02 -7.12
N PHE C 154 17.17 -1.47 -6.86
CA PHE C 154 16.18 -0.65 -6.18
C PHE C 154 16.27 -0.86 -4.68
N ASN C 155 16.11 0.24 -3.93
CA ASN C 155 16.01 0.29 -2.48
C ASN C 155 17.27 -0.18 -1.75
N CYS C 156 18.41 -0.25 -2.47
CA CYS C 156 19.71 -0.38 -1.84
C CYS C 156 20.76 0.22 -2.77
N TYR C 157 21.53 1.18 -2.26
CA TYR C 157 22.43 1.98 -3.07
C TYR C 157 23.83 1.98 -2.47
N PHE C 158 24.77 2.48 -3.26
CA PHE C 158 26.16 2.62 -2.84
C PHE C 158 26.30 3.82 -1.91
N PRO C 159 27.03 3.71 -0.81
CA PRO C 159 27.04 4.79 0.18
C PRO C 159 27.89 5.99 -0.21
N LEU C 160 28.89 5.79 -1.05
CA LEU C 160 29.77 6.87 -1.48
C LEU C 160 29.21 7.57 -2.72
N GLN C 161 29.56 8.83 -2.87
CA GLN C 161 29.14 9.60 -4.04
C GLN C 161 30.23 10.62 -4.35
N SER C 162 30.58 10.73 -5.62
CA SER C 162 31.67 11.60 -6.03
C SER C 162 31.26 13.06 -5.98
N TYR C 163 32.26 13.93 -6.03
CA TYR C 163 32.06 15.37 -5.98
C TYR C 163 32.17 15.97 -7.37
N GLY C 164 31.43 17.05 -7.60
CA GLY C 164 31.53 17.77 -8.85
C GLY C 164 32.55 18.88 -8.79
N PHE C 165 33.80 18.54 -8.50
CA PHE C 165 34.86 19.54 -8.35
C PHE C 165 35.42 19.90 -9.71
N GLN C 166 34.62 20.69 -10.45
CA GLN C 166 34.92 21.33 -11.72
C GLN C 166 35.22 22.80 -11.49
N PRO C 167 36.14 23.40 -12.25
CA PRO C 167 36.50 24.81 -11.99
C PRO C 167 35.46 25.81 -12.43
N THR C 168 34.46 25.40 -13.22
CA THR C 168 33.44 26.31 -13.70
C THR C 168 32.26 26.45 -12.75
N ASN C 169 32.31 25.80 -11.58
CA ASN C 169 31.20 25.89 -10.64
C ASN C 169 31.24 27.23 -9.90
N GLY C 170 30.20 27.45 -9.08
CA GLY C 170 30.09 28.66 -8.32
C GLY C 170 31.06 28.70 -7.15
N VAL C 171 31.01 29.82 -6.42
CA VAL C 171 31.94 30.02 -5.32
C VAL C 171 31.54 29.18 -4.11
N GLY C 172 30.29 28.72 -4.06
CA GLY C 172 29.85 27.84 -3.00
C GLY C 172 30.06 26.37 -3.27
N TYR C 173 30.45 26.01 -4.49
CA TYR C 173 30.67 24.64 -4.88
C TYR C 173 32.15 24.31 -5.08
N GLN C 174 33.05 25.27 -4.83
CA GLN C 174 34.47 25.01 -4.98
C GLN C 174 34.96 24.09 -3.86
N PRO C 175 35.96 23.25 -4.13
CA PRO C 175 36.53 22.42 -3.07
C PRO C 175 37.35 23.26 -2.10
N TYR C 176 37.13 23.02 -0.81
CA TYR C 176 37.77 23.77 0.25
C TYR C 176 38.57 22.81 1.13
N ARG C 177 39.84 23.13 1.37
CA ARG C 177 40.67 22.35 2.26
C ARG C 177 40.52 22.86 3.69
N VAL C 178 40.24 21.96 4.61
CA VAL C 178 40.05 22.29 6.02
C VAL C 178 40.90 21.36 6.86
N VAL C 179 41.57 21.91 7.87
CA VAL C 179 42.37 21.16 8.83
C VAL C 179 41.76 21.39 10.21
N VAL C 180 41.62 20.31 10.98
CA VAL C 180 41.09 20.36 12.33
C VAL C 180 42.23 20.16 13.31
N LEU C 181 42.49 21.16 14.13
CA LEU C 181 43.48 21.07 15.19
C LEU C 181 42.77 20.87 16.52
N SER C 182 43.07 19.77 17.19
CA SER C 182 42.41 19.42 18.45
C SER C 182 43.46 19.41 19.54
N PHE C 183 43.48 20.48 20.35
CA PHE C 183 44.39 20.57 21.48
C PHE C 183 43.77 19.83 22.65
N GLU C 184 44.41 18.74 23.07
CA GLU C 184 43.92 17.91 24.16
C GLU C 184 44.87 18.09 25.35
N LEU C 185 44.30 18.29 26.54
CA LEU C 185 45.10 18.57 27.73
C LEU C 185 44.88 17.44 28.73
N LEU C 186 45.95 16.73 29.05
CA LEU C 186 45.94 15.65 30.02
C LEU C 186 46.44 16.16 31.36
N HIS C 187 46.37 15.30 32.37
CA HIS C 187 46.98 15.60 33.67
C HIS C 187 48.50 15.46 33.63
N ALA C 188 49.03 14.77 32.62
CA ALA C 188 50.45 14.74 32.39
C ALA C 188 50.93 16.12 31.91
N PRO C 189 52.19 16.47 32.17
CA PRO C 189 52.70 17.76 31.69
C PRO C 189 52.83 17.79 30.17
N ALA C 190 52.83 19.01 29.64
CA ALA C 190 52.81 19.23 28.20
C ALA C 190 54.16 18.89 27.57
N THR C 191 54.13 18.69 26.26
CA THR C 191 55.33 18.40 25.49
C THR C 191 55.58 19.45 24.42
N VAL C 192 54.57 19.78 23.61
CA VAL C 192 54.66 20.85 22.64
C VAL C 192 54.28 22.14 23.35
N CYS C 193 55.25 23.04 23.53
CA CYS C 193 55.01 24.26 24.29
C CYS C 193 56.05 25.29 23.90
N GLY C 194 55.60 26.52 23.63
CA GLY C 194 56.51 27.58 23.26
C GLY C 194 55.95 28.56 22.24
#